data_4D4K
#
_entry.id   4D4K
#
_cell.length_a   102.970
_cell.length_b   102.970
_cell.length_c   256.530
_cell.angle_alpha   90.00
_cell.angle_beta   90.00
_cell.angle_gamma   120.00
#
_symmetry.space_group_name_H-M   'P 65 2 2'
#
loop_
_entity.id
_entity.type
_entity.pdbx_description
1 polymer '6-PHOSPHOFRUCTO-2-KINASE/FRUCTOSE-2,6-BISPHOSPHATASE 3'
2 non-polymer 'PHOSPHONIC ACID'
3 non-polymer 'PHOSPHATE ION'
4 non-polymer 6-O-phosphono-beta-D-fructofuranose
5 non-polymer 7-(4-methoxyphenyl)-5-phenyl-3,7-dihydro-4H-pyrrolo[2,3-d]pyrimidin-4-one
6 water water
#
_entity_poly.entity_id   1
_entity_poly.type   'polypeptide(L)'
_entity_poly.pdbx_seq_one_letter_code
;MPLELTQSRVQKIWVPVDHRPSLPRSCGPKLTNSPTVIVMVGLPARGKTYISKKLTRYLNWIGVPTKVFNVGEYRREAVK
QYSSYNFFRPDNEEAMKVRKQCALAALRDVKSYLAKEGGQIAVFDATNTTRERRHMILHFAKENDFKAFFIESVCDDPTV
VASNIMEVKISSPDYKDCNSAEAMDDFMKRISCYEASYQPLDPDKCDRDLSLIKVIDVGRRFLVNRVQDHIQSRIVYYLM
NIHVQPRTIYLCRHGENEHNLQGRIGGDSGLSSRGKKFASALSKFVEEQNLKDLRVWTSQLKSTIQTAEALRLPYEQWKA
LNEIDAGVCEELTYEEIRDTYPEEYALREQDKYYYRYPTGESYQDLVQRLEPVIMELERQENVLVICHQAVLRCLLAYFL
DKSAEEMPYLKCPLHTVLKLTPVAYGCRVESIYLNVESVCTHRERSEDA
;
_entity_poly.pdbx_strand_id   A
#
loop_
_chem_comp.id
_chem_comp.type
_chem_comp.name
_chem_comp.formula
BKE non-polymer 7-(4-methoxyphenyl)-5-phenyl-3,7-dihydro-4H-pyrrolo[2,3-d]pyrimidin-4-one 'C19 H15 N3 O2'
F6P D-saccharide, beta linking 6-O-phosphono-beta-D-fructofuranose 'C6 H13 O9 P'
PHS non-polymer 'PHOSPHONIC ACID' 'H3 O3 P'
PO4 non-polymer 'PHOSPHATE ION' 'O4 P -3'
#
# COMPACT_ATOMS: atom_id res chain seq x y z
N PRO A 2 18.25 -31.68 26.06
CA PRO A 2 17.98 -30.32 25.57
C PRO A 2 16.89 -30.24 24.49
N LEU A 3 16.90 -29.13 23.70
CA LEU A 3 15.96 -28.76 22.62
C LEU A 3 14.49 -28.54 23.13
N GLU A 4 14.35 -27.94 24.34
CA GLU A 4 13.04 -27.66 24.94
C GLU A 4 12.45 -26.35 24.42
N LEU A 5 11.26 -26.46 23.81
CA LEU A 5 10.55 -25.33 23.22
C LEU A 5 9.18 -25.11 23.82
N THR A 6 8.68 -23.89 23.71
CA THR A 6 7.32 -23.53 24.11
C THR A 6 6.62 -22.74 22.99
N GLN A 7 5.31 -22.94 22.85
CA GLN A 7 4.55 -22.27 21.80
C GLN A 7 3.94 -20.97 22.33
N SER A 8 4.34 -19.83 21.73
CA SER A 8 3.83 -18.51 22.14
C SER A 8 2.32 -18.44 21.94
N ARG A 9 1.59 -18.05 22.99
CA ARG A 9 0.12 -17.98 23.12
C ARG A 9 -0.61 -17.28 21.98
N VAL A 10 -0.14 -16.09 21.55
CA VAL A 10 -0.88 -15.33 20.52
C VAL A 10 -0.54 -15.83 19.11
N GLN A 11 0.74 -15.70 18.70
CA GLN A 11 1.23 -16.05 17.37
C GLN A 11 1.47 -17.53 17.14
N LYS A 12 1.47 -18.38 18.18
CA LYS A 12 1.67 -19.85 18.08
C LYS A 12 3.06 -20.22 17.54
N ILE A 13 4.10 -19.38 17.83
CA ILE A 13 5.50 -19.61 17.39
C ILE A 13 6.26 -20.41 18.44
N TRP A 14 6.96 -21.47 17.99
CA TRP A 14 7.77 -22.29 18.89
C TRP A 14 9.08 -21.57 19.16
N VAL A 15 9.33 -21.29 20.43
CA VAL A 15 10.52 -20.57 20.86
C VAL A 15 11.27 -21.39 21.92
N PRO A 16 12.61 -21.24 22.07
CA PRO A 16 13.29 -22.00 23.13
C PRO A 16 12.73 -21.57 24.48
N VAL A 17 12.42 -22.55 25.36
CA VAL A 17 11.93 -22.23 26.71
C VAL A 17 13.06 -21.38 27.28
N ASP A 18 12.76 -20.14 27.63
CA ASP A 18 13.78 -19.26 28.12
C ASP A 18 13.81 -19.29 29.63
N HIS A 19 14.64 -20.21 30.15
CA HIS A 19 14.89 -20.32 31.57
C HIS A 19 15.96 -19.32 31.82
N ARG A 20 15.58 -18.02 31.68
CA ARG A 20 16.46 -16.88 31.85
C ARG A 20 16.98 -16.93 33.27
N PRO A 21 18.28 -16.64 33.48
CA PRO A 21 18.79 -16.64 34.86
C PRO A 21 18.19 -15.48 35.65
N SER A 22 18.50 -15.42 36.95
CA SER A 22 17.99 -14.38 37.86
C SER A 22 18.22 -12.94 37.35
N LEU A 23 19.30 -12.72 36.55
CA LEU A 23 19.61 -11.44 35.90
C LEU A 23 19.40 -11.64 34.35
N PRO A 24 18.16 -11.55 33.81
CA PRO A 24 17.98 -11.77 32.36
C PRO A 24 18.53 -10.64 31.51
N ARG A 25 19.10 -10.98 30.34
CA ARG A 25 19.60 -10.01 29.36
C ARG A 25 18.64 -9.93 28.15
N SER A 26 18.38 -8.70 27.68
CA SER A 26 17.48 -8.41 26.57
C SER A 26 18.16 -8.46 25.22
N ASN A 33 18.89 -6.41 10.02
CA ASN A 33 19.63 -6.04 8.80
C ASN A 33 19.47 -4.54 8.45
N SER A 34 20.52 -3.98 7.84
CA SER A 34 20.72 -2.54 7.52
C SER A 34 19.47 -1.82 6.91
N PRO A 35 19.11 -0.63 7.48
CA PRO A 35 17.98 0.14 6.90
C PRO A 35 18.35 0.75 5.56
N THR A 36 17.33 1.13 4.79
CA THR A 36 17.55 1.70 3.48
C THR A 36 16.92 3.09 3.33
N VAL A 37 17.67 3.99 2.70
CA VAL A 37 17.22 5.32 2.33
C VAL A 37 16.94 5.22 0.83
N ILE A 38 15.67 5.35 0.47
CA ILE A 38 15.24 5.37 -0.92
C ILE A 38 15.31 6.85 -1.36
N VAL A 39 16.16 7.16 -2.34
CA VAL A 39 16.32 8.53 -2.82
C VAL A 39 15.52 8.76 -4.10
N MET A 40 14.48 9.62 -4.01
CA MET A 40 13.72 9.97 -5.21
C MET A 40 14.53 10.98 -6.00
N VAL A 41 14.57 10.84 -7.33
CA VAL A 41 15.36 11.69 -8.22
C VAL A 41 14.49 12.12 -9.40
N GLY A 42 14.57 13.40 -9.75
CA GLY A 42 13.85 13.93 -10.89
C GLY A 42 13.31 15.34 -10.76
N LEU A 43 12.98 15.93 -11.90
CA LEU A 43 12.40 17.29 -11.98
C LEU A 43 11.01 17.30 -11.32
N PRO A 44 10.46 18.47 -10.93
CA PRO A 44 9.07 18.47 -10.38
C PRO A 44 8.06 17.95 -11.40
N ALA A 45 6.92 17.47 -10.90
CA ALA A 45 5.82 16.91 -11.65
C ALA A 45 6.21 15.62 -12.42
N ARG A 46 7.08 14.79 -11.84
CA ARG A 46 7.52 13.53 -12.45
C ARG A 46 7.00 12.32 -11.70
N GLY A 47 5.98 12.53 -10.87
CA GLY A 47 5.36 11.44 -10.13
C GLY A 47 6.19 10.84 -9.01
N LYS A 48 7.20 11.58 -8.51
CA LYS A 48 8.06 11.15 -7.39
C LYS A 48 7.24 10.91 -6.12
N THR A 49 6.32 11.82 -5.78
CA THR A 49 5.44 11.73 -4.61
C THR A 49 4.43 10.58 -4.81
N TYR A 50 3.94 10.36 -6.05
CA TYR A 50 3.05 9.25 -6.41
C TYR A 50 3.79 7.94 -6.12
N ILE A 51 5.03 7.80 -6.63
CA ILE A 51 5.89 6.63 -6.41
C ILE A 51 6.16 6.44 -4.90
N SER A 52 6.60 7.52 -4.20
CA SER A 52 6.91 7.53 -2.77
C SER A 52 5.78 6.98 -1.95
N LYS A 53 4.55 7.52 -2.15
CA LYS A 53 3.34 7.16 -1.41
C LYS A 53 2.89 5.77 -1.67
N LYS A 54 2.81 5.35 -2.95
CA LYS A 54 2.38 4.02 -3.36
C LYS A 54 3.31 2.91 -2.83
N LEU A 55 4.63 3.09 -3.01
CA LEU A 55 5.67 2.18 -2.56
C LEU A 55 5.66 2.01 -1.03
N THR A 56 5.46 3.12 -0.30
CA THR A 56 5.36 3.17 1.16
C THR A 56 4.13 2.40 1.64
N ARG A 57 3.01 2.56 0.92
CA ARG A 57 1.73 1.91 1.18
C ARG A 57 1.85 0.39 1.05
N TYR A 58 2.56 -0.06 0.00
CA TYR A 58 2.82 -1.46 -0.28
C TYR A 58 3.77 -2.07 0.75
N LEU A 59 4.91 -1.40 1.00
CA LEU A 59 5.94 -1.86 1.95
C LEU A 59 5.41 -1.98 3.37
N ASN A 60 4.62 -1.00 3.82
CA ASN A 60 4.02 -1.05 5.16
C ASN A 60 3.03 -2.21 5.27
N TRP A 61 2.18 -2.39 4.23
CA TRP A 61 1.18 -3.46 4.15
C TRP A 61 1.81 -4.86 4.23
N ILE A 62 2.97 -5.08 3.57
CA ILE A 62 3.70 -6.35 3.61
C ILE A 62 4.52 -6.54 4.93
N GLY A 63 4.53 -5.52 5.78
CA GLY A 63 5.21 -5.56 7.08
C GLY A 63 6.58 -4.94 7.19
N VAL A 64 6.99 -4.11 6.22
CA VAL A 64 8.29 -3.44 6.26
C VAL A 64 8.04 -1.99 6.71
N PRO A 65 8.40 -1.57 7.95
CA PRO A 65 8.09 -0.19 8.39
C PRO A 65 8.74 0.84 7.48
N THR A 66 7.90 1.63 6.78
CA THR A 66 8.34 2.62 5.80
C THR A 66 7.71 3.99 6.05
N LYS A 67 8.49 5.05 5.84
CA LYS A 67 8.01 6.41 5.99
C LYS A 67 8.59 7.33 4.92
N VAL A 68 7.75 8.26 4.41
CA VAL A 68 8.12 9.28 3.44
C VAL A 68 8.55 10.58 4.17
N PHE A 69 9.64 11.16 3.71
CA PHE A 69 10.19 12.43 4.20
C PHE A 69 10.23 13.34 2.98
N ASN A 70 9.18 14.17 2.83
CA ASN A 70 9.03 15.10 1.71
C ASN A 70 9.63 16.45 2.13
N VAL A 71 10.72 16.84 1.46
CA VAL A 71 11.47 18.08 1.71
C VAL A 71 10.60 19.33 1.54
N GLY A 72 9.64 19.28 0.61
CA GLY A 72 8.70 20.37 0.35
C GLY A 72 7.80 20.69 1.53
N GLU A 73 7.47 19.68 2.35
CA GLU A 73 6.64 19.85 3.55
C GLU A 73 7.41 20.53 4.69
N TYR A 74 8.73 20.28 4.75
CA TYR A 74 9.68 20.89 5.69
C TYR A 74 9.84 22.38 5.31
N ARG A 75 9.80 22.66 3.98
CA ARG A 75 9.87 23.98 3.39
C ARG A 75 8.59 24.77 3.68
N ARG A 76 7.40 24.13 3.50
CA ARG A 76 6.10 24.76 3.77
C ARG A 76 5.95 25.14 5.25
N GLU A 77 6.66 24.40 6.13
CA GLU A 77 6.69 24.60 7.58
C GLU A 77 7.57 25.77 7.93
N ALA A 78 8.76 25.87 7.30
CA ALA A 78 9.74 26.93 7.54
C ALA A 78 9.34 28.27 6.91
N VAL A 79 8.80 28.22 5.72
CA VAL A 79 8.45 29.43 5.00
C VAL A 79 6.99 29.78 5.23
N LYS A 80 6.68 31.09 5.08
CA LYS A 80 5.35 31.71 5.16
C LYS A 80 4.52 31.17 3.98
N GLN A 81 3.32 31.72 3.76
CA GLN A 81 2.53 31.28 2.60
C GLN A 81 3.36 31.53 1.32
N TYR A 82 3.25 30.59 0.36
CA TYR A 82 3.91 30.59 -0.92
C TYR A 82 3.40 31.68 -1.85
N SER A 83 4.33 32.39 -2.46
CA SER A 83 4.04 33.52 -3.33
C SER A 83 4.18 33.14 -4.81
N SER A 84 5.37 32.65 -5.24
CA SER A 84 5.62 32.27 -6.64
C SER A 84 6.90 31.44 -6.85
N TYR A 85 7.17 31.09 -8.15
CA TYR A 85 8.32 30.34 -8.65
C TYR A 85 9.63 31.05 -8.32
N ASN A 86 9.54 32.37 -8.01
CA ASN A 86 10.67 33.22 -7.62
C ASN A 86 11.42 32.67 -6.42
N PHE A 87 10.72 31.89 -5.56
CA PHE A 87 11.30 31.22 -4.39
C PHE A 87 12.29 30.13 -4.85
N PHE A 88 12.00 29.53 -6.00
CA PHE A 88 12.80 28.44 -6.54
C PHE A 88 13.94 28.89 -7.48
N ARG A 89 14.04 30.19 -7.74
CA ARG A 89 15.10 30.72 -8.61
C ARG A 89 16.51 30.34 -8.15
N PRO A 90 17.40 29.90 -9.08
CA PRO A 90 18.79 29.60 -8.67
C PRO A 90 19.54 30.82 -8.14
N ASP A 91 19.10 32.06 -8.51
CA ASP A 91 19.74 33.29 -8.03
C ASP A 91 19.14 33.79 -6.68
N ASN A 92 18.18 33.04 -6.13
CA ASN A 92 17.55 33.35 -4.84
C ASN A 92 18.43 32.80 -3.71
N GLU A 93 19.50 33.53 -3.36
CA GLU A 93 20.48 33.15 -2.33
C GLU A 93 19.85 32.68 -1.01
N GLU A 94 18.90 33.46 -0.46
CA GLU A 94 18.21 33.18 0.81
C GLU A 94 17.38 31.90 0.76
N ALA A 95 16.52 31.75 -0.27
CA ALA A 95 15.68 30.55 -0.40
C ALA A 95 16.50 29.31 -0.66
N MET A 96 17.65 29.44 -1.36
CA MET A 96 18.54 28.30 -1.63
C MET A 96 19.12 27.77 -0.31
N LYS A 97 19.44 28.69 0.64
CA LYS A 97 19.96 28.34 1.97
C LYS A 97 18.87 27.61 2.74
N VAL A 98 17.64 28.18 2.74
CA VAL A 98 16.45 27.65 3.41
C VAL A 98 16.12 26.23 2.90
N ARG A 99 16.11 26.06 1.57
CA ARG A 99 15.84 24.77 0.93
C ARG A 99 16.86 23.70 1.30
N LYS A 100 18.15 24.08 1.41
CA LYS A 100 19.22 23.16 1.85
C LYS A 100 19.01 22.74 3.31
N GLN A 101 18.70 23.73 4.18
CA GLN A 101 18.42 23.52 5.60
C GLN A 101 17.27 22.54 5.81
N CYS A 102 16.20 22.68 4.98
CA CYS A 102 15.02 21.82 4.98
C CYS A 102 15.35 20.39 4.63
N ALA A 103 16.22 20.19 3.61
CA ALA A 103 16.68 18.87 3.18
C ALA A 103 17.48 18.23 4.32
N LEU A 104 18.39 18.99 4.95
CA LEU A 104 19.22 18.54 6.07
C LEU A 104 18.38 18.21 7.30
N ALA A 105 17.31 18.96 7.57
CA ALA A 105 16.35 18.73 8.67
C ALA A 105 15.57 17.42 8.39
N ALA A 106 15.18 17.16 7.10
CA ALA A 106 14.48 15.93 6.72
C ALA A 106 15.39 14.74 6.91
N LEU A 107 16.68 14.87 6.53
CA LEU A 107 17.68 13.81 6.71
C LEU A 107 17.92 13.52 8.20
N ARG A 108 17.90 14.57 9.04
CA ARG A 108 18.03 14.43 10.49
C ARG A 108 16.90 13.54 11.01
N ASP A 109 15.65 13.79 10.52
CA ASP A 109 14.48 12.98 10.84
C ASP A 109 14.53 11.57 10.24
N VAL A 110 15.27 11.40 9.11
CA VAL A 110 15.52 10.10 8.46
C VAL A 110 16.39 9.27 9.41
N LYS A 111 17.48 9.87 9.94
CA LYS A 111 18.43 9.23 10.88
C LYS A 111 17.69 8.77 12.14
N SER A 112 16.85 9.65 12.71
CA SER A 112 16.06 9.36 13.89
C SER A 112 15.05 8.23 13.63
N TYR A 113 14.43 8.21 12.45
CA TYR A 113 13.46 7.18 12.08
C TYR A 113 14.09 5.79 11.94
N LEU A 114 15.19 5.70 11.18
CA LEU A 114 15.89 4.45 10.89
C LEU A 114 16.75 3.92 12.01
N ALA A 115 17.40 4.80 12.79
CA ALA A 115 18.31 4.36 13.85
C ALA A 115 17.69 4.33 15.23
N LYS A 116 16.60 5.11 15.45
CA LYS A 116 16.02 5.21 16.80
C LYS A 116 14.53 4.87 16.90
N GLU A 117 13.83 4.70 15.77
CA GLU A 117 12.38 4.43 15.83
C GLU A 117 11.93 3.09 15.26
N GLY A 118 12.90 2.25 14.88
CA GLY A 118 12.60 0.94 14.33
C GLY A 118 12.11 0.91 12.89
N GLY A 119 12.30 2.02 12.18
CA GLY A 119 11.95 2.12 10.78
C GLY A 119 12.92 1.35 9.92
N GLN A 120 12.43 0.72 8.84
CA GLN A 120 13.33 -0.03 7.96
C GLN A 120 13.66 0.70 6.67
N ILE A 121 12.67 1.44 6.13
CA ILE A 121 12.86 2.17 4.88
C ILE A 121 12.42 3.63 5.04
N ALA A 122 13.28 4.55 4.63
CA ALA A 122 12.97 5.98 4.63
C ALA A 122 12.96 6.40 3.19
N VAL A 123 11.83 6.92 2.70
CA VAL A 123 11.76 7.39 1.32
C VAL A 123 12.00 8.88 1.37
N PHE A 124 13.15 9.32 0.85
CA PHE A 124 13.56 10.72 0.79
C PHE A 124 13.01 11.34 -0.51
N ASP A 125 11.83 11.94 -0.38
CA ASP A 125 11.07 12.52 -1.48
C ASP A 125 11.44 13.99 -1.75
N ALA A 126 12.39 14.18 -2.67
CA ALA A 126 12.86 15.50 -3.10
C ALA A 126 13.32 15.38 -4.54
N THR A 127 13.73 16.52 -5.14
CA THR A 127 14.21 16.55 -6.52
C THR A 127 15.53 15.79 -6.66
N ASN A 128 16.51 16.05 -5.75
CA ASN A 128 17.85 15.42 -5.70
C ASN A 128 18.45 15.29 -7.11
N THR A 129 18.28 16.39 -7.88
CA THR A 129 18.61 16.51 -9.31
C THR A 129 20.11 16.75 -9.60
N THR A 130 20.85 17.22 -8.61
CA THR A 130 22.30 17.46 -8.76
C THR A 130 23.12 16.32 -8.19
N ARG A 131 24.31 16.09 -8.73
CA ARG A 131 25.22 15.07 -8.22
C ARG A 131 25.70 15.48 -6.82
N GLU A 132 25.90 16.80 -6.60
CA GLU A 132 26.30 17.39 -5.33
C GLU A 132 25.31 17.01 -4.21
N ARG A 133 23.99 17.24 -4.43
CA ARG A 133 22.96 16.87 -3.45
C ARG A 133 23.01 15.36 -3.17
N ARG A 134 23.10 14.52 -4.23
CA ARG A 134 23.15 13.07 -4.11
C ARG A 134 24.41 12.58 -3.41
N HIS A 135 25.55 13.28 -3.58
CA HIS A 135 26.83 12.95 -2.93
C HIS A 135 26.72 13.15 -1.44
N MET A 136 26.00 14.22 -1.06
CA MET A 136 25.71 14.57 0.31
C MET A 136 24.79 13.51 0.95
N ILE A 137 23.76 13.01 0.20
CA ILE A 137 22.84 11.98 0.69
C ILE A 137 23.59 10.67 0.88
N LEU A 138 24.49 10.33 -0.05
CA LEU A 138 25.33 9.13 0.03
C LEU A 138 26.24 9.21 1.25
N HIS A 139 26.87 10.38 1.50
CA HIS A 139 27.72 10.59 2.66
C HIS A 139 26.94 10.34 3.95
N PHE A 140 25.72 10.92 4.03
CA PHE A 140 24.79 10.77 5.13
C PHE A 140 24.46 9.29 5.38
N ALA A 141 24.21 8.53 4.28
CA ALA A 141 23.89 7.10 4.35
C ALA A 141 25.10 6.29 4.83
N LYS A 142 26.28 6.50 4.20
CA LYS A 142 27.52 5.79 4.57
C LYS A 142 27.89 5.98 6.02
N GLU A 143 27.87 7.24 6.51
CA GLU A 143 28.31 7.44 7.90
C GLU A 143 27.25 7.00 8.94
N ASN A 144 25.99 6.83 8.53
CA ASN A 144 24.92 6.29 9.43
C ASN A 144 24.66 4.79 9.27
N ASP A 145 25.45 4.12 8.38
CA ASP A 145 25.34 2.70 8.04
C ASP A 145 23.97 2.33 7.45
N PHE A 146 23.49 3.22 6.55
CA PHE A 146 22.25 3.02 5.84
C PHE A 146 22.58 2.70 4.41
N LYS A 147 21.75 1.88 3.79
CA LYS A 147 21.92 1.59 2.38
C LYS A 147 21.23 2.72 1.61
N ALA A 148 21.71 3.01 0.39
CA ALA A 148 21.09 4.01 -0.47
C ALA A 148 20.64 3.36 -1.76
N PHE A 149 19.38 3.58 -2.15
CA PHE A 149 18.78 3.06 -3.37
C PHE A 149 18.08 4.21 -4.06
N PHE A 150 18.47 4.52 -5.30
CA PHE A 150 17.93 5.65 -6.06
C PHE A 150 16.82 5.24 -7.00
N ILE A 151 15.75 6.04 -7.00
CA ILE A 151 14.61 5.85 -7.89
C ILE A 151 14.42 7.14 -8.66
N GLU A 152 14.80 7.14 -9.94
CA GLU A 152 14.67 8.32 -10.77
C GLU A 152 13.49 8.17 -11.72
N SER A 153 12.65 9.22 -11.81
CA SER A 153 11.54 9.23 -12.74
C SER A 153 11.85 10.24 -13.83
N VAL A 154 12.02 9.75 -15.06
CA VAL A 154 12.34 10.54 -16.25
C VAL A 154 11.11 10.52 -17.19
N CYS A 155 10.48 11.68 -17.38
CA CYS A 155 9.34 11.87 -18.28
C CYS A 155 9.23 13.30 -18.64
N ASP A 156 9.44 13.62 -19.92
CA ASP A 156 9.35 15.00 -20.38
C ASP A 156 8.16 15.23 -21.31
N ASP A 157 7.23 14.23 -21.41
CA ASP A 157 5.99 14.30 -22.20
C ASP A 157 5.15 15.46 -21.61
N PRO A 158 4.81 16.54 -22.38
CA PRO A 158 4.09 17.68 -21.79
C PRO A 158 2.68 17.36 -21.32
N THR A 159 2.03 16.31 -21.90
CA THR A 159 0.70 15.85 -21.50
C THR A 159 0.73 15.26 -20.09
N VAL A 160 1.74 14.41 -19.81
CA VAL A 160 1.94 13.75 -18.52
C VAL A 160 2.27 14.80 -17.42
N VAL A 161 3.16 15.77 -17.74
CA VAL A 161 3.54 16.87 -16.84
C VAL A 161 2.29 17.72 -16.49
N ALA A 162 1.52 18.17 -17.53
CA ALA A 162 0.30 18.95 -17.38
C ALA A 162 -0.76 18.23 -16.59
N SER A 163 -0.90 16.89 -16.77
CA SER A 163 -1.85 16.05 -16.05
C SER A 163 -1.55 15.99 -14.55
N ASN A 164 -0.24 15.90 -14.17
CA ASN A 164 0.22 15.89 -12.78
C ASN A 164 -0.07 17.23 -12.12
N ILE A 165 0.18 18.34 -12.85
CA ILE A 165 -0.09 19.68 -12.35
C ILE A 165 -1.58 19.86 -12.08
N MET A 166 -2.42 19.41 -13.00
CA MET A 166 -3.88 19.49 -12.93
C MET A 166 -4.50 18.58 -11.88
N GLU A 167 -3.95 17.36 -11.71
CA GLU A 167 -4.52 16.39 -10.78
C GLU A 167 -4.14 16.65 -9.32
N VAL A 168 -2.88 16.98 -9.05
CA VAL A 168 -2.49 17.12 -7.64
C VAL A 168 -1.66 18.40 -7.31
N LYS A 169 -1.11 19.11 -8.32
CA LYS A 169 -0.33 20.32 -8.01
C LYS A 169 -1.19 21.53 -7.77
N ILE A 170 -2.13 21.85 -8.67
CA ILE A 170 -3.00 23.05 -8.57
C ILE A 170 -3.81 23.06 -7.27
N SER A 171 -4.11 21.86 -6.71
CA SER A 171 -4.86 21.66 -5.46
C SER A 171 -3.97 21.75 -4.19
N SER A 172 -2.65 21.95 -4.38
CA SER A 172 -1.64 22.06 -3.32
C SER A 172 -1.88 23.30 -2.44
N PRO A 173 -1.55 23.28 -1.09
CA PRO A 173 -1.79 24.49 -0.26
C PRO A 173 -1.07 25.75 -0.76
N ASP A 174 -0.02 25.54 -1.57
CA ASP A 174 0.81 26.56 -2.21
C ASP A 174 0.01 27.37 -3.20
N TYR A 175 -1.00 26.78 -3.84
CA TYR A 175 -1.76 27.42 -4.90
C TYR A 175 -3.20 27.78 -4.52
N LYS A 176 -3.49 27.95 -3.22
CA LYS A 176 -4.84 28.32 -2.75
C LYS A 176 -5.31 29.71 -3.26
N ASP A 177 -4.40 30.69 -3.25
CA ASP A 177 -4.61 32.07 -3.68
C ASP A 177 -4.44 32.26 -5.18
N CYS A 178 -4.01 31.21 -5.90
CA CYS A 178 -3.85 31.24 -7.35
C CYS A 178 -5.05 30.55 -8.03
N ASN A 179 -5.42 30.91 -9.27
CA ASN A 179 -6.47 30.16 -9.97
C ASN A 179 -5.80 29.01 -10.76
N SER A 180 -6.57 28.03 -11.27
CA SER A 180 -6.06 26.87 -12.03
C SER A 180 -5.01 27.23 -13.14
N ALA A 181 -5.29 28.29 -13.92
CA ALA A 181 -4.41 28.75 -15.01
C ALA A 181 -3.12 29.42 -14.55
N GLU A 182 -3.18 30.22 -13.48
CA GLU A 182 -1.96 30.88 -13.02
C GLU A 182 -1.10 29.91 -12.20
N ALA A 183 -1.68 28.90 -11.45
CA ALA A 183 -0.95 27.85 -10.74
C ALA A 183 -0.19 27.00 -11.73
N MET A 184 -0.84 26.62 -12.87
CA MET A 184 -0.22 25.86 -13.95
C MET A 184 0.98 26.62 -14.56
N ASP A 185 0.80 27.93 -14.87
CA ASP A 185 1.83 28.82 -15.40
C ASP A 185 3.01 28.98 -14.42
N ASP A 186 2.71 29.20 -13.11
CA ASP A 186 3.73 29.33 -12.04
C ASP A 186 4.52 28.04 -11.88
N PHE A 187 3.82 26.89 -11.93
CA PHE A 187 4.45 25.58 -11.80
C PHE A 187 5.40 25.27 -12.96
N MET A 188 5.03 25.69 -14.18
CA MET A 188 5.89 25.46 -15.36
C MET A 188 7.21 26.23 -15.21
N LYS A 189 7.13 27.47 -14.70
CA LYS A 189 8.27 28.36 -14.43
C LYS A 189 9.12 27.75 -13.31
N ARG A 190 8.45 27.17 -12.30
CA ARG A 190 9.06 26.50 -11.15
C ARG A 190 9.92 25.28 -11.60
N ILE A 191 9.41 24.50 -12.58
CA ILE A 191 10.13 23.34 -13.16
C ILE A 191 11.38 23.85 -13.87
N SER A 192 11.24 24.93 -14.68
CA SER A 192 12.35 25.53 -15.45
C SER A 192 13.52 25.93 -14.56
N CYS A 193 13.26 26.33 -13.27
CA CYS A 193 14.28 26.71 -12.27
C CYS A 193 15.25 25.55 -11.99
N TYR A 194 14.77 24.31 -12.14
CA TYR A 194 15.54 23.09 -11.88
C TYR A 194 16.25 22.47 -13.09
N GLU A 195 15.83 22.82 -14.31
CA GLU A 195 16.27 22.20 -15.57
C GLU A 195 17.78 22.41 -15.88
N ALA A 196 18.37 23.60 -15.58
CA ALA A 196 19.80 23.88 -15.83
C ALA A 196 20.74 22.99 -15.01
N SER A 197 20.50 22.88 -13.70
CA SER A 197 21.32 22.13 -12.76
C SER A 197 21.08 20.63 -12.76
N TYR A 198 20.00 20.16 -13.44
CA TYR A 198 19.62 18.74 -13.48
C TYR A 198 20.65 17.86 -14.19
N GLN A 199 21.21 16.93 -13.42
CA GLN A 199 22.16 15.93 -13.87
C GLN A 199 21.47 14.57 -13.67
N PRO A 200 20.89 13.98 -14.76
CA PRO A 200 20.23 12.67 -14.60
C PRO A 200 21.20 11.61 -14.10
N LEU A 201 20.69 10.49 -13.55
CA LEU A 201 21.57 9.41 -13.07
C LEU A 201 22.29 8.84 -14.25
N ASP A 202 23.59 8.59 -14.11
CA ASP A 202 24.39 8.06 -15.20
C ASP A 202 25.00 6.70 -14.79
N PRO A 203 24.24 5.59 -14.90
CA PRO A 203 24.82 4.30 -14.46
C PRO A 203 25.93 3.77 -15.36
N ASP A 204 26.13 4.41 -16.52
CA ASP A 204 27.16 4.05 -17.46
C ASP A 204 28.55 4.50 -17.02
N LYS A 205 28.68 5.75 -16.54
CA LYS A 205 29.98 6.23 -16.12
C LYS A 205 30.00 6.64 -14.65
N CYS A 206 29.36 7.77 -14.31
CA CYS A 206 29.41 8.37 -12.95
C CYS A 206 28.71 7.59 -11.85
N ASP A 207 27.48 7.14 -12.10
CA ASP A 207 26.68 6.42 -11.09
C ASP A 207 26.71 4.92 -11.25
N ARG A 208 27.81 4.38 -11.84
CA ARG A 208 28.03 2.94 -12.08
C ARG A 208 27.98 2.08 -10.80
N ASP A 209 28.47 2.62 -9.68
CA ASP A 209 28.50 1.91 -8.38
C ASP A 209 27.23 2.10 -7.55
N LEU A 210 26.30 2.98 -8.00
CA LEU A 210 25.07 3.23 -7.25
C LEU A 210 23.98 2.21 -7.55
N SER A 211 23.17 1.89 -6.54
CA SER A 211 22.03 0.97 -6.65
C SER A 211 20.88 1.84 -7.10
N LEU A 212 20.38 1.64 -8.30
CA LEU A 212 19.34 2.50 -8.83
C LEU A 212 18.37 1.88 -9.80
N ILE A 213 17.24 2.54 -9.97
CA ILE A 213 16.22 2.26 -10.97
C ILE A 213 15.87 3.59 -11.64
N LYS A 214 15.87 3.60 -12.96
CA LYS A 214 15.46 4.73 -13.79
C LYS A 214 14.12 4.29 -14.38
N VAL A 215 13.05 4.99 -14.00
CA VAL A 215 11.70 4.76 -14.50
C VAL A 215 11.55 5.76 -15.64
N ILE A 216 11.51 5.27 -16.90
CA ILE A 216 11.42 6.11 -18.09
C ILE A 216 10.02 6.05 -18.69
N ASP A 217 9.42 7.22 -19.00
CA ASP A 217 8.13 7.40 -19.67
C ASP A 217 6.97 6.61 -19.07
N VAL A 218 6.74 6.86 -17.77
CA VAL A 218 5.64 6.30 -16.96
C VAL A 218 5.74 4.75 -16.95
N GLY A 219 6.95 4.22 -16.81
CA GLY A 219 7.15 2.78 -16.71
C GLY A 219 7.15 1.99 -18.01
N ARG A 220 7.39 2.66 -19.13
CA ARG A 220 7.50 2.04 -20.44
C ARG A 220 8.85 1.29 -20.51
N ARG A 221 9.89 1.89 -19.89
CA ARG A 221 11.26 1.39 -19.90
C ARG A 221 11.90 1.57 -18.54
N PHE A 222 12.86 0.68 -18.21
CA PHE A 222 13.58 0.74 -16.94
C PHE A 222 15.05 0.46 -17.09
N LEU A 223 15.85 1.24 -16.38
CA LEU A 223 17.28 1.01 -16.28
C LEU A 223 17.50 0.59 -14.82
N VAL A 224 17.95 -0.65 -14.60
CA VAL A 224 18.18 -1.17 -13.23
C VAL A 224 19.65 -1.45 -13.04
N ASN A 225 20.27 -0.85 -12.03
CA ASN A 225 21.69 -1.03 -11.77
C ASN A 225 21.99 -1.43 -10.32
N ARG A 226 22.81 -2.46 -10.14
CA ARG A 226 23.32 -3.00 -8.88
C ARG A 226 22.30 -3.20 -7.75
N VAL A 227 21.26 -4.04 -7.94
CA VAL A 227 20.32 -4.35 -6.85
C VAL A 227 21.07 -5.18 -5.79
N GLN A 228 21.23 -4.61 -4.60
CA GLN A 228 21.97 -5.20 -3.48
C GLN A 228 21.24 -6.29 -2.70
N ASP A 229 19.97 -6.06 -2.34
CA ASP A 229 19.25 -6.99 -1.46
C ASP A 229 17.81 -7.36 -1.90
N HIS A 230 17.12 -8.11 -1.01
CA HIS A 230 15.74 -8.61 -1.17
C HIS A 230 14.73 -7.49 -1.34
N ILE A 231 14.78 -6.50 -0.46
CA ILE A 231 13.82 -5.39 -0.44
C ILE A 231 13.93 -4.54 -1.73
N GLN A 232 15.14 -4.26 -2.23
CA GLN A 232 15.37 -3.49 -3.49
C GLN A 232 14.82 -4.26 -4.66
N SER A 233 15.01 -5.59 -4.65
CA SER A 233 14.52 -6.46 -5.72
C SER A 233 12.99 -6.47 -5.77
N ARG A 234 12.33 -6.48 -4.59
CA ARG A 234 10.87 -6.42 -4.41
C ARG A 234 10.31 -5.10 -4.95
N ILE A 235 10.98 -3.97 -4.58
CA ILE A 235 10.63 -2.59 -5.00
C ILE A 235 10.64 -2.54 -6.52
N VAL A 236 11.73 -3.03 -7.13
CA VAL A 236 11.91 -3.03 -8.57
C VAL A 236 10.77 -3.80 -9.26
N TYR A 237 10.42 -4.98 -8.73
CA TYR A 237 9.34 -5.81 -9.25
C TYR A 237 7.99 -5.07 -9.18
N TYR A 238 7.73 -4.42 -8.04
CA TYR A 238 6.51 -3.66 -7.82
C TYR A 238 6.36 -2.50 -8.83
N LEU A 239 7.43 -1.68 -8.98
CA LEU A 239 7.48 -0.55 -9.92
C LEU A 239 7.22 -0.97 -11.34
N MET A 240 7.68 -2.17 -11.68
CA MET A 240 7.47 -2.76 -13.00
C MET A 240 6.06 -3.30 -13.24
N ASN A 241 5.26 -3.47 -12.17
CA ASN A 241 3.88 -4.04 -12.29
C ASN A 241 2.76 -3.01 -12.21
N ILE A 242 3.03 -1.90 -11.51
CA ILE A 242 2.07 -0.79 -11.36
C ILE A 242 1.97 0.02 -12.67
N HIS A 243 0.82 0.73 -12.88
CA HIS A 243 0.50 1.59 -14.06
C HIS A 243 -0.47 2.72 -13.70
N VAL A 244 -0.64 3.73 -14.60
CA VAL A 244 -1.56 4.85 -14.33
C VAL A 244 -2.72 4.88 -15.34
N GLN A 245 -2.97 3.75 -16.04
CA GLN A 245 -4.12 3.63 -16.94
C GLN A 245 -5.44 3.64 -16.18
N PRO A 246 -6.51 4.31 -16.71
CA PRO A 246 -7.80 4.36 -15.91
C PRO A 246 -8.40 2.99 -15.71
N ARG A 247 -8.94 2.74 -14.50
CA ARG A 247 -9.55 1.47 -14.15
C ARG A 247 -10.38 1.46 -12.88
N THR A 248 -11.15 0.39 -12.67
CA THR A 248 -11.97 0.24 -11.49
C THR A 248 -11.77 -1.12 -10.85
N ILE A 249 -11.71 -1.13 -9.53
CA ILE A 249 -11.59 -2.33 -8.74
C ILE A 249 -12.87 -2.50 -7.93
N TYR A 250 -13.62 -3.56 -8.18
CA TYR A 250 -14.82 -3.86 -7.44
C TYR A 250 -14.49 -5.00 -6.48
N LEU A 251 -14.80 -4.82 -5.20
CA LEU A 251 -14.52 -5.82 -4.18
C LEU A 251 -15.83 -6.10 -3.46
N CYS A 252 -16.14 -7.38 -3.26
CA CYS A 252 -17.31 -7.80 -2.52
C CYS A 252 -17.10 -9.18 -1.97
N ARG A 253 -17.95 -9.57 -1.04
CA ARG A 253 -17.96 -10.88 -0.48
C ARG A 253 -18.93 -11.74 -1.31
N HIS A 254 -18.84 -13.05 -1.13
CA HIS A 254 -19.81 -13.99 -1.71
C HIS A 254 -21.19 -13.59 -1.14
N GLY A 255 -22.28 -13.99 -1.81
CA GLY A 255 -23.62 -13.79 -1.29
C GLY A 255 -23.77 -14.57 0.01
N GLU A 256 -24.67 -14.15 0.91
CA GLU A 256 -24.90 -14.81 2.22
C GLU A 256 -24.91 -16.35 2.08
N ASN A 257 -24.20 -17.05 2.96
CA ASN A 257 -24.14 -18.51 2.91
C ASN A 257 -24.87 -19.15 4.11
N GLU A 258 -24.98 -20.49 4.11
CA GLU A 258 -25.68 -21.22 5.17
C GLU A 258 -25.00 -21.08 6.55
N HIS A 259 -23.65 -21.02 6.56
CA HIS A 259 -22.86 -20.82 7.80
C HIS A 259 -23.10 -19.44 8.36
N ASN A 260 -23.30 -18.43 7.49
CA ASN A 260 -23.61 -17.06 7.91
C ASN A 260 -24.90 -17.05 8.73
N LEU A 261 -25.93 -17.78 8.24
CA LEU A 261 -27.22 -17.88 8.91
C LEU A 261 -27.12 -18.54 10.29
N GLN A 262 -26.21 -19.51 10.45
CA GLN A 262 -25.99 -20.23 11.70
C GLN A 262 -24.94 -19.55 12.61
N GLY A 263 -24.33 -18.47 12.12
CA GLY A 263 -23.26 -17.76 12.82
C GLY A 263 -21.99 -18.57 12.95
N ARG A 264 -21.74 -19.49 12.00
CA ARG A 264 -20.56 -20.37 11.95
C ARG A 264 -19.45 -19.76 11.10
N ILE A 265 -18.21 -19.89 11.61
CA ILE A 265 -17.02 -19.37 10.93
C ILE A 265 -16.40 -20.41 10.01
N GLY A 266 -15.71 -19.95 8.98
CA GLY A 266 -15.04 -20.81 8.02
C GLY A 266 -15.98 -21.71 7.23
N GLY A 267 -15.51 -22.91 6.94
CA GLY A 267 -16.27 -23.89 6.20
C GLY A 267 -16.35 -23.62 4.71
N ASP A 268 -17.10 -24.46 4.00
CA ASP A 268 -17.31 -24.38 2.56
C ASP A 268 -18.79 -24.52 2.22
N SER A 269 -19.66 -23.80 2.98
CA SER A 269 -21.10 -23.86 2.77
C SER A 269 -21.52 -23.09 1.51
N GLY A 270 -22.71 -23.41 1.02
CA GLY A 270 -23.29 -22.79 -0.16
C GLY A 270 -24.17 -21.61 0.15
N LEU A 271 -24.55 -20.85 -0.90
CA LEU A 271 -25.39 -19.68 -0.80
C LEU A 271 -26.74 -20.00 -0.22
N SER A 272 -27.23 -19.09 0.64
CA SER A 272 -28.57 -19.16 1.21
C SER A 272 -29.52 -18.63 0.13
N SER A 273 -30.85 -18.62 0.35
CA SER A 273 -31.78 -18.09 -0.64
C SER A 273 -31.51 -16.60 -0.93
N ARG A 274 -31.16 -15.81 0.12
CA ARG A 274 -30.78 -14.41 0.03
C ARG A 274 -29.47 -14.24 -0.73
N GLY A 275 -28.48 -15.10 -0.45
CA GLY A 275 -27.19 -15.11 -1.13
C GLY A 275 -27.33 -15.27 -2.64
N LYS A 276 -28.25 -16.17 -3.07
CA LYS A 276 -28.59 -16.41 -4.49
C LYS A 276 -29.24 -15.17 -5.09
N LYS A 277 -30.09 -14.46 -4.28
CA LYS A 277 -30.74 -13.22 -4.68
C LYS A 277 -29.70 -12.13 -4.91
N PHE A 278 -28.69 -12.00 -4.00
CA PHE A 278 -27.58 -11.06 -4.17
C PHE A 278 -26.82 -11.33 -5.45
N ALA A 279 -26.51 -12.62 -5.70
CA ALA A 279 -25.79 -13.07 -6.90
C ALA A 279 -26.48 -12.56 -8.18
N SER A 280 -27.85 -12.66 -8.24
CA SER A 280 -28.64 -12.12 -9.37
C SER A 280 -28.52 -10.60 -9.40
N ALA A 281 -28.65 -9.96 -8.21
CA ALA A 281 -28.54 -8.50 -8.08
C ALA A 281 -27.17 -7.99 -8.54
N LEU A 282 -26.10 -8.77 -8.23
CA LEU A 282 -24.72 -8.48 -8.62
C LEU A 282 -24.56 -8.51 -10.12
N SER A 283 -25.20 -9.48 -10.79
CA SER A 283 -25.14 -9.61 -12.25
C SER A 283 -25.73 -8.36 -12.92
N LYS A 284 -26.89 -7.90 -12.42
CA LYS A 284 -27.58 -6.71 -12.92
C LYS A 284 -26.68 -5.50 -12.69
N PHE A 285 -26.10 -5.37 -11.46
CA PHE A 285 -25.18 -4.29 -11.11
C PHE A 285 -24.00 -4.26 -12.08
N VAL A 286 -23.33 -5.41 -12.27
CA VAL A 286 -22.16 -5.56 -13.14
C VAL A 286 -22.49 -5.09 -14.57
N GLU A 287 -23.63 -5.56 -15.09
CA GLU A 287 -24.14 -5.24 -16.42
C GLU A 287 -24.33 -3.72 -16.57
N GLU A 288 -24.95 -3.08 -15.55
CA GLU A 288 -25.21 -1.65 -15.52
C GLU A 288 -23.94 -0.79 -15.48
N GLN A 289 -22.79 -1.36 -15.04
CA GLN A 289 -21.51 -0.65 -14.98
C GLN A 289 -20.91 -0.45 -16.38
N ASN A 290 -21.36 -1.25 -17.37
CA ASN A 290 -20.96 -1.22 -18.79
C ASN A 290 -19.44 -1.15 -18.96
N LEU A 291 -18.72 -2.10 -18.34
CA LEU A 291 -17.27 -2.18 -18.37
C LEU A 291 -16.77 -2.89 -19.58
N LYS A 292 -15.70 -2.32 -20.17
CA LYS A 292 -15.01 -2.80 -21.37
C LYS A 292 -14.61 -4.28 -21.26
N ASP A 293 -13.70 -4.62 -20.33
CA ASP A 293 -13.25 -6.00 -20.12
C ASP A 293 -13.05 -6.27 -18.63
N LEU A 294 -14.01 -6.94 -18.01
CA LEU A 294 -13.89 -7.15 -16.58
C LEU A 294 -13.32 -8.50 -16.25
N ARG A 295 -12.29 -8.52 -15.41
CA ARG A 295 -11.73 -9.79 -14.95
C ARG A 295 -12.45 -10.10 -13.64
N VAL A 296 -12.88 -11.35 -13.46
CA VAL A 296 -13.63 -11.76 -12.27
C VAL A 296 -12.80 -12.79 -11.53
N TRP A 297 -12.51 -12.52 -10.25
CA TRP A 297 -11.72 -13.39 -9.41
C TRP A 297 -12.55 -13.86 -8.23
N THR A 298 -12.41 -15.13 -7.88
CA THR A 298 -13.11 -15.75 -6.75
C THR A 298 -12.09 -16.54 -5.94
N SER A 299 -12.53 -17.08 -4.81
CA SER A 299 -11.73 -17.98 -3.99
C SER A 299 -12.05 -19.40 -4.54
N GLN A 300 -11.56 -20.44 -3.89
CA GLN A 300 -11.89 -21.79 -4.32
C GLN A 300 -13.04 -22.36 -3.49
N LEU A 301 -13.61 -21.52 -2.61
CA LEU A 301 -14.74 -21.87 -1.76
C LEU A 301 -16.06 -21.65 -2.52
N LYS A 302 -16.97 -22.62 -2.42
CA LYS A 302 -18.27 -22.73 -3.11
C LYS A 302 -19.05 -21.43 -3.18
N SER A 303 -19.21 -20.73 -2.01
CA SER A 303 -20.05 -19.50 -1.93
C SER A 303 -19.64 -18.39 -2.88
N THR A 304 -18.31 -18.18 -3.10
CA THR A 304 -17.83 -17.14 -4.05
C THR A 304 -18.02 -17.59 -5.50
N ILE A 305 -17.86 -18.90 -5.77
CA ILE A 305 -18.01 -19.48 -7.10
C ILE A 305 -19.47 -19.44 -7.54
N GLN A 306 -20.41 -19.75 -6.62
CA GLN A 306 -21.83 -19.70 -6.91
C GLN A 306 -22.25 -18.26 -7.25
N THR A 307 -21.68 -17.26 -6.53
CA THR A 307 -21.94 -15.83 -6.74
C THR A 307 -21.47 -15.44 -8.15
N ALA A 308 -20.24 -15.86 -8.54
CA ALA A 308 -19.66 -15.59 -9.87
C ALA A 308 -20.44 -16.28 -10.98
N GLU A 309 -20.99 -17.48 -10.68
CA GLU A 309 -21.78 -18.25 -11.64
C GLU A 309 -23.01 -17.47 -12.14
N ALA A 310 -23.59 -16.63 -11.28
CA ALA A 310 -24.75 -15.81 -11.60
C ALA A 310 -24.44 -14.70 -12.58
N LEU A 311 -23.15 -14.31 -12.71
CA LEU A 311 -22.73 -13.22 -13.59
C LEU A 311 -22.74 -13.58 -15.06
N ARG A 312 -22.63 -14.88 -15.38
CA ARG A 312 -22.54 -15.40 -16.76
C ARG A 312 -21.31 -14.80 -17.47
N LEU A 313 -20.22 -14.64 -16.71
CA LEU A 313 -18.96 -14.09 -17.16
C LEU A 313 -17.85 -15.04 -16.83
N PRO A 314 -16.75 -15.09 -17.62
CA PRO A 314 -15.63 -15.97 -17.22
C PRO A 314 -15.01 -15.48 -15.91
N TYR A 315 -14.61 -16.42 -15.05
CA TYR A 315 -13.98 -16.11 -13.77
C TYR A 315 -12.81 -17.05 -13.46
N GLU A 316 -11.91 -16.58 -12.60
CA GLU A 316 -10.68 -17.28 -12.22
C GLU A 316 -10.70 -17.51 -10.72
N GLN A 317 -10.49 -18.77 -10.28
CA GLN A 317 -10.49 -19.13 -8.85
C GLN A 317 -9.09 -19.07 -8.29
N TRP A 318 -8.91 -18.35 -7.20
CA TRP A 318 -7.60 -18.25 -6.53
C TRP A 318 -7.71 -18.90 -5.16
N LYS A 319 -6.83 -19.89 -4.85
CA LYS A 319 -6.75 -20.49 -3.52
C LYS A 319 -6.29 -19.41 -2.51
N ALA A 320 -5.49 -18.43 -2.96
CA ALA A 320 -5.01 -17.32 -2.13
C ALA A 320 -6.15 -16.42 -1.62
N LEU A 321 -7.35 -16.48 -2.26
CA LEU A 321 -8.51 -15.69 -1.85
C LEU A 321 -9.42 -16.40 -0.87
N ASN A 322 -9.10 -17.68 -0.52
CA ASN A 322 -9.86 -18.50 0.44
C ASN A 322 -9.84 -17.80 1.79
N GLU A 323 -10.97 -17.86 2.52
CA GLU A 323 -11.06 -17.21 3.82
C GLU A 323 -9.96 -17.64 4.79
N ILE A 324 -9.61 -16.76 5.77
CA ILE A 324 -8.65 -17.04 6.83
C ILE A 324 -8.92 -18.43 7.44
N ASP A 325 -7.88 -19.24 7.64
CA ASP A 325 -8.07 -20.58 8.20
C ASP A 325 -8.17 -20.49 9.71
N ALA A 326 -9.33 -20.91 10.27
CA ALA A 326 -9.58 -20.86 11.70
C ALA A 326 -9.06 -22.08 12.48
N GLY A 327 -8.35 -22.98 11.80
CA GLY A 327 -7.78 -24.19 12.38
C GLY A 327 -8.79 -25.07 13.07
N VAL A 328 -8.59 -25.31 14.38
CA VAL A 328 -9.49 -26.13 15.22
C VAL A 328 -10.90 -25.50 15.37
N CYS A 329 -11.00 -24.17 15.21
CA CYS A 329 -12.23 -23.40 15.36
C CYS A 329 -13.09 -23.35 14.09
N GLU A 330 -12.65 -23.99 13.00
CA GLU A 330 -13.42 -24.03 11.75
C GLU A 330 -14.80 -24.63 11.98
N GLU A 331 -15.86 -24.02 11.39
CA GLU A 331 -17.27 -24.44 11.36
C GLU A 331 -17.99 -24.31 12.73
N LEU A 332 -17.33 -23.63 13.67
CA LEU A 332 -17.86 -23.35 15.03
C LEU A 332 -18.48 -21.96 15.03
N THR A 333 -19.38 -21.72 15.97
CA THR A 333 -19.97 -20.39 16.14
C THR A 333 -19.01 -19.68 17.11
N TYR A 334 -19.10 -18.34 17.23
CA TYR A 334 -18.24 -17.61 18.18
C TYR A 334 -18.57 -17.94 19.63
N GLU A 335 -19.85 -18.28 19.90
CA GLU A 335 -20.32 -18.70 21.22
C GLU A 335 -19.63 -20.01 21.61
N GLU A 336 -19.61 -20.99 20.68
CA GLU A 336 -18.95 -22.29 20.83
C GLU A 336 -17.43 -22.13 21.00
N ILE A 337 -16.84 -21.08 20.38
CA ILE A 337 -15.40 -20.83 20.50
C ILE A 337 -15.13 -20.34 21.92
N ARG A 338 -15.91 -19.35 22.40
CA ARG A 338 -15.79 -18.80 23.75
C ARG A 338 -15.96 -19.87 24.84
N ASP A 339 -16.87 -20.82 24.62
CA ASP A 339 -17.17 -21.84 25.63
C ASP A 339 -16.23 -23.04 25.59
N THR A 340 -15.74 -23.45 24.42
CA THR A 340 -14.82 -24.59 24.27
C THR A 340 -13.36 -24.16 24.41
N TYR A 341 -13.01 -22.99 23.84
CA TYR A 341 -11.67 -22.41 23.84
C TYR A 341 -11.69 -20.97 24.44
N PRO A 342 -11.96 -20.79 25.77
CA PRO A 342 -12.04 -19.42 26.32
C PRO A 342 -10.75 -18.62 26.29
N GLU A 343 -9.60 -19.29 26.51
CA GLU A 343 -8.28 -18.66 26.50
C GLU A 343 -8.03 -18.09 25.11
N GLU A 344 -8.26 -18.92 24.07
CA GLU A 344 -8.09 -18.60 22.66
C GLU A 344 -8.95 -17.40 22.24
N TYR A 345 -10.22 -17.39 22.67
CA TYR A 345 -11.17 -16.33 22.37
C TYR A 345 -10.68 -14.96 22.90
N ALA A 346 -10.27 -14.92 24.18
CA ALA A 346 -9.78 -13.71 24.83
C ALA A 346 -8.47 -13.19 24.17
N LEU A 347 -7.51 -14.10 23.85
CA LEU A 347 -6.26 -13.77 23.19
C LEU A 347 -6.46 -13.06 21.85
N ARG A 348 -7.42 -13.56 21.03
CA ARG A 348 -7.77 -13.00 19.72
C ARG A 348 -8.37 -11.61 19.85
N GLU A 349 -9.30 -11.44 20.81
CA GLU A 349 -9.95 -10.17 21.12
C GLU A 349 -8.93 -9.10 21.45
N GLN A 350 -7.86 -9.48 22.16
CA GLN A 350 -6.80 -8.58 22.57
C GLN A 350 -5.81 -8.26 21.47
N ASP A 351 -5.50 -9.22 20.57
CA ASP A 351 -4.53 -9.01 19.50
C ASP A 351 -4.99 -9.64 18.18
N LYS A 352 -6.08 -9.10 17.60
CA LYS A 352 -6.74 -9.65 16.40
C LYS A 352 -5.86 -9.75 15.14
N TYR A 353 -4.86 -8.88 14.94
CA TYR A 353 -4.00 -8.96 13.74
C TYR A 353 -2.99 -10.09 13.81
N TYR A 354 -2.26 -10.18 14.95
CA TYR A 354 -1.18 -11.15 15.16
C TYR A 354 -1.64 -12.52 15.64
N TYR A 355 -2.84 -12.58 16.24
CA TYR A 355 -3.42 -13.83 16.74
C TYR A 355 -3.50 -14.90 15.66
N ARG A 356 -2.94 -16.06 15.95
CA ARG A 356 -3.03 -17.19 15.05
C ARG A 356 -3.93 -18.24 15.67
N TYR A 357 -4.93 -18.71 14.91
CA TYR A 357 -5.85 -19.76 15.37
C TYR A 357 -5.04 -21.06 15.47
N PRO A 358 -5.31 -21.96 16.44
CA PRO A 358 -4.52 -23.20 16.56
C PRO A 358 -4.66 -24.07 15.31
N THR A 359 -3.53 -24.33 14.65
CA THR A 359 -3.37 -25.09 13.39
C THR A 359 -3.95 -24.26 12.22
N GLY A 360 -4.19 -22.98 12.50
CA GLY A 360 -4.80 -22.02 11.59
C GLY A 360 -3.92 -20.82 11.25
N GLU A 361 -4.56 -19.71 10.89
CA GLU A 361 -3.88 -18.50 10.43
C GLU A 361 -4.21 -17.26 11.25
N SER A 362 -3.40 -16.23 10.99
CA SER A 362 -3.52 -14.87 11.49
C SER A 362 -3.77 -13.95 10.28
N TYR A 363 -4.19 -12.69 10.53
CA TYR A 363 -4.36 -11.66 9.49
C TYR A 363 -2.99 -11.42 8.87
N GLN A 364 -1.91 -11.55 9.68
CA GLN A 364 -0.52 -11.44 9.29
C GLN A 364 -0.20 -12.48 8.20
N ASP A 365 -0.67 -13.75 8.37
CA ASP A 365 -0.51 -14.83 7.41
C ASP A 365 -1.27 -14.53 6.13
N LEU A 366 -2.47 -13.96 6.26
CA LEU A 366 -3.29 -13.55 5.12
C LEU A 366 -2.57 -12.58 4.18
N VAL A 367 -1.95 -11.51 4.74
CA VAL A 367 -1.18 -10.50 4.01
C VAL A 367 -0.12 -11.19 3.16
N GLN A 368 0.64 -12.13 3.76
CA GLN A 368 1.67 -12.84 3.01
C GLN A 368 1.09 -13.65 1.85
N ARG A 369 -0.07 -14.30 2.06
CA ARG A 369 -0.83 -15.06 1.05
C ARG A 369 -1.38 -14.19 -0.04
N LEU A 370 -1.85 -12.99 0.34
CA LEU A 370 -2.51 -12.08 -0.60
C LEU A 370 -1.53 -11.23 -1.42
N GLU A 371 -0.22 -11.21 -1.03
CA GLU A 371 0.84 -10.42 -1.78
C GLU A 371 0.71 -10.69 -3.30
N PRO A 372 0.71 -11.98 -3.81
CA PRO A 372 0.59 -12.19 -5.27
C PRO A 372 -0.71 -11.65 -5.86
N VAL A 373 -1.80 -11.64 -5.04
CA VAL A 373 -3.11 -11.13 -5.46
C VAL A 373 -2.97 -9.62 -5.72
N ILE A 374 -2.32 -8.90 -4.78
CA ILE A 374 -2.09 -7.46 -4.84
C ILE A 374 -1.24 -7.10 -6.08
N MET A 375 -0.19 -7.89 -6.33
CA MET A 375 0.70 -7.66 -7.46
C MET A 375 -0.03 -7.82 -8.79
N GLU A 376 -0.94 -8.81 -8.85
CA GLU A 376 -1.73 -9.04 -10.04
C GLU A 376 -2.82 -7.97 -10.19
N LEU A 377 -3.41 -7.50 -9.06
CA LEU A 377 -4.41 -6.45 -9.06
C LEU A 377 -3.84 -5.18 -9.61
N GLU A 378 -2.56 -4.90 -9.28
CA GLU A 378 -1.80 -3.74 -9.79
C GLU A 378 -1.65 -3.76 -11.29
N ARG A 379 -1.24 -4.93 -11.84
CA ARG A 379 -1.06 -5.17 -13.29
C ARG A 379 -2.32 -4.98 -14.12
N GLN A 380 -3.45 -5.43 -13.58
CA GLN A 380 -4.74 -5.47 -14.26
C GLN A 380 -5.45 -4.14 -14.28
N GLU A 381 -6.39 -3.96 -15.21
CA GLU A 381 -7.18 -2.74 -15.32
C GLU A 381 -8.51 -2.91 -14.56
N ASN A 382 -9.52 -3.56 -15.14
CA ASN A 382 -10.78 -3.72 -14.40
C ASN A 382 -10.86 -5.07 -13.76
N VAL A 383 -11.17 -5.15 -12.46
CA VAL A 383 -11.26 -6.43 -11.75
C VAL A 383 -12.42 -6.41 -10.74
N LEU A 384 -13.13 -7.55 -10.64
CA LEU A 384 -14.16 -7.80 -9.64
C LEU A 384 -13.62 -8.97 -8.83
N VAL A 385 -13.43 -8.75 -7.52
CA VAL A 385 -12.93 -9.78 -6.60
C VAL A 385 -14.09 -10.14 -5.69
N ILE A 386 -14.57 -11.39 -5.79
CA ILE A 386 -15.63 -11.96 -4.97
C ILE A 386 -14.92 -12.79 -3.90
N CYS A 387 -14.85 -12.32 -2.67
CA CYS A 387 -14.10 -13.05 -1.65
C CYS A 387 -14.83 -13.10 -0.30
N HIS A 388 -14.05 -13.17 0.82
CA HIS A 388 -14.52 -13.35 2.18
C HIS A 388 -14.15 -12.20 3.07
N GLN A 389 -14.82 -12.05 4.22
CA GLN A 389 -14.68 -10.96 5.18
C GLN A 389 -13.24 -10.58 5.53
N ALA A 390 -12.42 -11.52 6.06
CA ALA A 390 -11.03 -11.25 6.46
C ALA A 390 -10.12 -10.93 5.29
N VAL A 391 -10.30 -11.63 4.15
CA VAL A 391 -9.56 -11.44 2.89
C VAL A 391 -9.82 -10.02 2.37
N LEU A 392 -11.11 -9.63 2.34
CA LEU A 392 -11.56 -8.32 1.91
C LEU A 392 -10.95 -7.20 2.77
N ARG A 393 -10.98 -7.36 4.11
CA ARG A 393 -10.35 -6.40 5.03
C ARG A 393 -8.88 -6.19 4.67
N CYS A 394 -8.09 -7.25 4.36
CA CYS A 394 -6.67 -7.13 3.98
C CYS A 394 -6.45 -6.38 2.71
N LEU A 395 -7.24 -6.72 1.71
CA LEU A 395 -7.13 -6.07 0.40
C LEU A 395 -7.49 -4.59 0.52
N LEU A 396 -8.56 -4.31 1.26
CA LEU A 396 -9.05 -2.96 1.50
C LEU A 396 -8.04 -2.13 2.28
N ALA A 397 -7.38 -2.72 3.29
CA ALA A 397 -6.34 -2.05 4.07
C ALA A 397 -5.17 -1.66 3.18
N TYR A 398 -4.86 -2.47 2.15
CA TYR A 398 -3.81 -2.13 1.20
C TYR A 398 -4.23 -0.92 0.38
N PHE A 399 -5.42 -0.95 -0.24
CA PHE A 399 -5.89 0.15 -1.08
C PHE A 399 -6.17 1.46 -0.34
N LEU A 400 -6.73 1.34 0.90
CA LEU A 400 -7.12 2.48 1.75
C LEU A 400 -6.04 2.91 2.75
N ASP A 401 -4.84 2.31 2.66
CA ASP A 401 -3.66 2.63 3.49
C ASP A 401 -3.96 2.50 5.00
N LYS A 402 -4.73 1.46 5.42
CA LYS A 402 -5.06 1.20 6.84
C LYS A 402 -3.98 0.37 7.49
N SER A 403 -3.72 0.64 8.78
CA SER A 403 -2.69 -0.07 9.56
C SER A 403 -3.10 -1.51 9.89
N ALA A 404 -2.09 -2.32 10.31
CA ALA A 404 -2.25 -3.72 10.73
C ALA A 404 -3.24 -3.78 11.91
N GLU A 405 -3.16 -2.82 12.84
CA GLU A 405 -4.04 -2.72 13.99
C GLU A 405 -5.51 -2.45 13.63
N GLU A 406 -5.75 -1.59 12.61
CA GLU A 406 -7.14 -1.29 12.23
C GLU A 406 -7.74 -2.35 11.26
N MET A 407 -6.91 -2.99 10.42
CA MET A 407 -7.28 -4.01 9.41
C MET A 407 -8.33 -5.06 9.89
N PRO A 408 -8.17 -5.79 11.04
CA PRO A 408 -9.18 -6.79 11.42
C PRO A 408 -10.57 -6.24 11.76
N TYR A 409 -10.72 -4.90 11.81
CA TYR A 409 -11.99 -4.28 12.20
C TYR A 409 -12.68 -3.49 11.07
N LEU A 410 -12.10 -3.46 9.85
CA LEU A 410 -12.71 -2.75 8.71
C LEU A 410 -14.08 -3.33 8.38
N LYS A 411 -15.07 -2.44 8.15
CA LYS A 411 -16.45 -2.84 7.85
C LYS A 411 -16.61 -3.22 6.40
N CYS A 412 -16.88 -4.50 6.14
CA CYS A 412 -17.12 -5.05 4.81
C CYS A 412 -18.40 -5.91 4.88
N PRO A 413 -19.59 -5.25 4.90
CA PRO A 413 -20.85 -6.00 4.97
C PRO A 413 -21.15 -6.87 3.74
N LEU A 414 -22.03 -7.88 3.93
CA LEU A 414 -22.50 -8.76 2.88
C LEU A 414 -23.40 -7.98 1.96
N HIS A 415 -23.52 -8.43 0.70
CA HIS A 415 -24.39 -7.89 -0.37
C HIS A 415 -24.14 -6.42 -0.68
N THR A 416 -22.88 -6.02 -0.48
CA THR A 416 -22.37 -4.65 -0.68
C THR A 416 -21.08 -4.67 -1.50
N VAL A 417 -21.08 -3.94 -2.63
CA VAL A 417 -19.92 -3.80 -3.52
C VAL A 417 -19.10 -2.57 -3.13
N LEU A 418 -17.78 -2.73 -3.00
CA LEU A 418 -16.88 -1.61 -2.72
C LEU A 418 -16.21 -1.26 -4.05
N LYS A 419 -16.59 -0.10 -4.61
CA LYS A 419 -16.10 0.39 -5.88
C LYS A 419 -14.89 1.28 -5.62
N LEU A 420 -13.72 0.84 -6.06
CA LEU A 420 -12.48 1.58 -5.86
C LEU A 420 -12.00 2.23 -7.11
N THR A 421 -11.85 3.56 -7.06
CA THR A 421 -11.36 4.33 -8.19
C THR A 421 -10.05 5.01 -7.80
N PRO A 422 -8.90 4.62 -8.41
CA PRO A 422 -7.64 5.26 -8.05
C PRO A 422 -7.63 6.67 -8.59
N VAL A 423 -7.50 7.64 -7.67
CA VAL A 423 -7.48 9.07 -7.99
C VAL A 423 -6.48 9.78 -7.02
N ALA A 424 -5.60 10.62 -7.63
CA ALA A 424 -4.54 11.40 -6.98
C ALA A 424 -3.50 10.50 -6.27
N TYR A 425 -3.45 10.50 -4.93
CA TYR A 425 -2.51 9.67 -4.17
C TYR A 425 -3.20 8.58 -3.31
N GLY A 426 -4.43 8.21 -3.69
CA GLY A 426 -5.20 7.17 -3.03
C GLY A 426 -6.31 6.54 -3.85
N CYS A 427 -7.29 5.99 -3.15
CA CYS A 427 -8.46 5.38 -3.75
C CYS A 427 -9.71 6.08 -3.27
N ARG A 428 -10.59 6.41 -4.23
CA ARG A 428 -11.92 6.92 -3.93
C ARG A 428 -12.70 5.62 -3.70
N VAL A 429 -13.33 5.49 -2.54
CA VAL A 429 -14.12 4.31 -2.21
C VAL A 429 -15.60 4.70 -2.15
N GLU A 430 -16.38 4.05 -3.01
CA GLU A 430 -17.83 4.18 -3.17
C GLU A 430 -18.43 2.86 -2.74
N SER A 431 -19.50 2.91 -1.95
CA SER A 431 -20.15 1.71 -1.49
C SER A 431 -21.47 1.55 -2.22
N ILE A 432 -21.78 0.32 -2.69
CA ILE A 432 -23.03 0.06 -3.38
C ILE A 432 -23.73 -1.18 -2.77
N TYR A 433 -24.75 -0.95 -1.95
CA TYR A 433 -25.54 -2.01 -1.32
C TYR A 433 -26.56 -2.44 -2.38
N LEU A 434 -26.64 -3.76 -2.64
CA LEU A 434 -27.50 -4.25 -3.74
C LEU A 434 -28.94 -4.65 -3.32
N ASN A 435 -29.37 -4.05 -2.22
CA ASN A 435 -30.76 -4.15 -1.66
C ASN A 435 -31.27 -5.60 -1.50
N VAL A 436 -30.41 -6.45 -0.92
CA VAL A 436 -30.77 -7.83 -0.56
C VAL A 436 -30.39 -8.00 0.89
N GLU A 437 -31.36 -8.39 1.73
CA GLU A 437 -31.15 -8.64 3.16
C GLU A 437 -30.18 -9.77 3.40
N SER A 438 -29.46 -9.70 4.53
CA SER A 438 -28.49 -10.69 5.00
C SER A 438 -28.28 -10.47 6.48
N VAL A 439 -27.62 -11.42 7.14
CA VAL A 439 -27.23 -11.32 8.54
C VAL A 439 -26.01 -10.34 8.60
N CYS A 440 -25.63 -9.87 9.80
CA CYS A 440 -24.46 -9.00 10.00
C CYS A 440 -23.41 -9.84 10.66
N THR A 441 -22.23 -9.95 10.01
CA THR A 441 -21.10 -10.76 10.48
C THR A 441 -19.97 -9.92 11.06
N HIS A 442 -20.17 -8.58 11.11
CA HIS A 442 -19.19 -7.67 11.68
C HIS A 442 -19.25 -7.71 13.21
N ARG A 443 -18.06 -7.80 13.83
CA ARG A 443 -17.90 -7.86 15.27
C ARG A 443 -16.90 -6.78 15.68
N GLU A 444 -17.39 -5.82 16.45
CA GLU A 444 -16.62 -4.67 16.96
C GLU A 444 -15.62 -5.13 18.03
N ARG A 445 -14.58 -4.32 18.31
CA ARG A 445 -13.57 -4.68 19.33
C ARG A 445 -14.13 -4.54 20.76
N SER A 446 -13.37 -5.07 21.75
CA SER A 446 -13.70 -5.05 23.20
C SER A 446 -12.54 -4.54 24.02
P PHS B . -17.70 -14.69 4.31
O1P PHS B . -16.65 -15.71 4.39
O2P PHS B . -17.16 -13.21 4.45
O3P PHS B . -18.94 -15.01 5.30
P PO4 C . 6.45 15.00 -8.23
O1 PO4 C . 5.04 14.51 -8.66
O2 PO4 C . 7.57 14.34 -9.15
O3 PO4 C . 6.62 16.57 -8.40
O4 PO4 C . 6.69 14.63 -6.69
O1 F6P D . -18.30 -14.31 9.76
C1 F6P D . -17.93 -14.92 8.51
C2 F6P D . -16.43 -14.84 8.26
O2 F6P D . -16.17 -14.35 6.95
C3 F6P D . -15.76 -16.21 8.43
O3 F6P D . -15.56 -16.85 7.17
C4 F6P D . -14.44 -15.91 9.11
O4 F6P D . -14.08 -16.95 10.00
C5 F6P D . -14.74 -14.64 9.88
O5 F6P D . -15.79 -13.95 9.19
C6 F6P D . -13.53 -13.74 10.04
O6 F6P D . -13.47 -13.40 11.43
P F6P D . -13.24 -11.89 11.93
O1P F6P D . -11.87 -11.92 12.52
O2P F6P D . -13.27 -11.15 10.63
O3P F6P D . -14.37 -11.59 12.89
C BKE E . -2.64 11.96 -9.35
C BKE E . 5.72 2.56 -12.83
N BKE E . 2.72 10.12 -12.24
N BKE E . 3.84 8.65 -12.59
O BKE E . -1.45 12.70 -9.62
O BKE E . 6.50 3.75 -12.84
C1 BKE E . -0.43 12.06 -10.26
C1 BKE E . 5.85 4.95 -12.78
N1 BKE E . 3.70 11.99 -13.48
N1 BKE E . 5.26 10.02 -14.06
O1 BKE E . 6.45 9.26 -14.88
O1 BKE E . 2.54 13.00 -13.35
C2 BKE E . -0.58 10.72 -10.65
C2 BKE E . 4.45 4.98 -12.64
N2 BKE E . 5.60 11.38 -14.74
N2 BKE E . 4.48 12.23 -14.27
C3 BKE E . 0.46 10.10 -11.29
C3 BKE E . 3.81 6.19 -12.58
C4 BKE E . 1.64 10.78 -11.57
C4 BKE E . 4.53 7.39 -12.66
C5 BKE E . 1.77 12.11 -11.17
C5 BKE E . 5.92 7.34 -12.79
C6 BKE E . 0.74 12.74 -10.52
C6 BKE E . 6.56 6.13 -12.86
C7 BKE E . 3.01 8.79 -12.08
C7 BKE E . 2.70 8.86 -11.85
C8 BKE E . 4.11 8.45 -12.82
C8 BKE E . 2.27 10.15 -12.01
C9 BKE E . 4.54 9.65 -13.50
C9 BKE E . 3.20 10.78 -12.90
C10 BKE E . 3.64 10.68 -13.11
C10 BKE E . 4.18 9.82 -13.25
C11 BKE E . 4.69 12.28 -14.29
C11 BKE E . 5.35 11.24 -14.52
C12 BKE E . 5.60 10.02 -14.42
C12 BKE E . 3.35 12.09 -13.47
C13 BKE E . 4.67 7.07 -12.86
C13 BKE E . 1.05 10.70 -11.33
C14 BKE E . 3.83 5.96 -12.81
C14 BKE E . -0.15 9.98 -11.35
C15 BKE E . 4.36 4.69 -12.73
C15 BKE E . -1.26 10.48 -10.69
C16 BKE E . 5.73 4.49 -12.69
C16 BKE E . -1.19 11.68 -10.01
C17 BKE E . 6.57 5.58 -12.74
C17 BKE E . -0.01 12.39 -10.00
C18 BKE E . 6.05 6.87 -12.83
C18 BKE E . 1.11 11.90 -10.66
#